data_6QE9
#
_entry.id   6QE9
#
_cell.length_a   99.005
_cell.length_b   30.655
_cell.length_c   68.680
_cell.angle_alpha   90.00
_cell.angle_beta   92.97
_cell.angle_gamma   90.00
#
_symmetry.space_group_name_H-M   'C 1 2 1'
#
loop_
_entity.id
_entity.type
_entity.pdbx_description
1 polymer 'Ribonuclease pancreatic'
2 non-polymer 'SULFATE ION'
3 non-polymer 'pentacoordinate Pt(II) compound'
4 water water
#
_entity_poly.entity_id   1
_entity_poly.type   'polypeptide(L)'
_entity_poly.pdbx_seq_one_letter_code
;KETAAAKFERQHMDSSTSAASSSNYCNQMMKSRNLTKDRCKPVNTFVHESLADVQAVCSQKNVACKNGQTNCYQSYSTMS
ITDCRETGSSKYPNCAYKTTQANKHIIVACEGNPYVPVHFDASV
;
_entity_poly.pdbx_strand_id   A,B
#
loop_
_chem_comp.id
_chem_comp.type
_chem_comp.name
_chem_comp.formula
J9H non-polymer 'pentacoordinate Pt(II) compound' 'C17 H18 N3 Pt 1'
SO4 non-polymer 'SULFATE ION' 'O4 S -2'
#
# COMPACT_ATOMS: atom_id res chain seq x y z
N LYS A 1 6.31 -19.32 -19.38
CA LYS A 1 7.42 -18.62 -18.68
C LYS A 1 6.85 -17.90 -17.45
N GLU A 2 7.62 -17.89 -16.36
CA GLU A 2 7.24 -17.24 -15.08
C GLU A 2 7.45 -15.72 -15.20
N THR A 3 6.38 -14.94 -14.94
CA THR A 3 6.44 -13.47 -14.82
C THR A 3 7.17 -13.09 -13.53
N ALA A 4 7.67 -11.85 -13.46
CA ALA A 4 8.31 -11.27 -12.25
C ALA A 4 7.30 -11.27 -11.09
N ALA A 5 6.02 -11.05 -11.38
CA ALA A 5 4.90 -11.06 -10.41
C ALA A 5 4.63 -12.48 -9.89
N ALA A 6 4.48 -13.44 -10.79
CA ALA A 6 4.33 -14.86 -10.42
C ALA A 6 5.56 -15.30 -9.61
N LYS A 7 6.74 -14.82 -9.97
CA LYS A 7 7.99 -15.17 -9.24
C LYS A 7 7.89 -14.63 -7.81
N PHE A 8 7.42 -13.40 -7.64
CA PHE A 8 7.26 -12.81 -6.28
C PHE A 8 6.21 -13.65 -5.53
N GLU A 9 5.11 -14.08 -6.15
CA GLU A 9 4.10 -14.94 -5.46
C GLU A 9 4.75 -16.27 -5.03
N ARG A 10 5.52 -16.90 -5.91
CA ARG A 10 6.25 -18.16 -5.61
C ARG A 10 7.24 -17.93 -4.45
N GLN A 11 8.04 -16.87 -4.52
CA GLN A 11 9.15 -16.64 -3.56
C GLN A 11 8.63 -16.10 -2.22
N HIS A 12 7.47 -15.40 -2.19
CA HIS A 12 7.12 -14.52 -1.04
C HIS A 12 5.69 -14.67 -0.50
N MET A 13 4.71 -15.11 -1.28
CA MET A 13 3.29 -15.15 -0.82
C MET A 13 3.01 -16.49 -0.14
N ASP A 14 2.55 -16.44 1.11
CA ASP A 14 2.04 -17.62 1.85
C ASP A 14 0.81 -17.18 2.67
N SER A 15 -0.23 -16.80 1.96
CA SER A 15 -1.52 -16.31 2.53
C SER A 15 -2.04 -17.37 3.49
N SER A 16 -1.93 -17.09 4.77
CA SER A 16 -2.21 -18.05 5.87
C SER A 16 -2.61 -17.21 7.06
N THR A 17 -3.37 -17.77 7.98
CA THR A 17 -3.86 -17.03 9.18
C THR A 17 -2.63 -16.55 9.98
N SER A 18 -1.47 -17.22 9.84
CA SER A 18 -0.30 -17.02 10.74
C SER A 18 1.03 -17.60 10.23
N ALA A 19 1.10 -18.82 9.66
CA ALA A 19 2.37 -19.52 9.35
C ALA A 19 2.44 -20.91 10.00
N ALA A 20 2.38 -21.94 9.17
CA ALA A 20 2.11 -23.34 9.56
C ALA A 20 2.99 -24.29 8.75
N SER A 21 3.38 -25.42 9.31
CA SER A 21 4.25 -26.42 8.66
C SER A 21 4.27 -27.69 9.50
N SER A 22 4.92 -28.74 9.02
CA SER A 22 4.94 -30.07 9.67
C SER A 22 6.14 -30.20 10.63
N SER A 23 7.22 -29.42 10.41
CA SER A 23 8.55 -29.68 11.03
C SER A 23 9.29 -28.35 11.34
N ASN A 24 9.83 -27.70 10.30
CA ASN A 24 10.59 -26.42 10.35
C ASN A 24 10.11 -25.63 9.14
N TYR A 25 9.34 -24.57 9.35
CA TYR A 25 8.62 -23.83 8.28
C TYR A 25 9.63 -23.48 7.16
N CYS A 26 10.75 -22.87 7.52
CA CYS A 26 11.70 -22.30 6.53
C CYS A 26 12.34 -23.44 5.75
N ASN A 27 12.78 -24.51 6.41
CA ASN A 27 13.41 -25.66 5.71
C ASN A 27 12.44 -26.20 4.66
N GLN A 28 11.19 -26.46 5.05
CA GLN A 28 10.14 -27.01 4.14
C GLN A 28 9.86 -26.00 3.02
N MET A 29 9.69 -24.73 3.38
CA MET A 29 9.14 -23.72 2.44
C MET A 29 10.22 -23.29 1.45
N MET A 30 11.46 -23.19 1.92
CA MET A 30 12.57 -22.77 1.03
C MET A 30 12.74 -23.84 -0.03
N LYS A 31 12.52 -25.11 0.33
CA LYS A 31 12.65 -26.25 -0.61
C LYS A 31 11.40 -26.33 -1.51
N SER A 32 10.21 -26.33 -0.93
CA SER A 32 8.95 -26.53 -1.69
C SER A 32 8.72 -25.41 -2.72
N ARG A 33 9.30 -24.21 -2.53
CA ARG A 33 9.12 -23.03 -3.43
C ARG A 33 10.30 -22.90 -4.39
N ASN A 34 11.17 -23.93 -4.45
CA ASN A 34 12.35 -24.00 -5.35
C ASN A 34 13.32 -22.86 -5.04
N LEU A 35 13.54 -22.53 -3.76
CA LEU A 35 14.52 -21.47 -3.39
C LEU A 35 15.86 -22.11 -3.00
N THR A 36 15.94 -23.45 -3.05
CA THR A 36 17.15 -24.26 -2.72
C THR A 36 17.56 -25.13 -3.92
N LYS A 37 17.16 -24.73 -5.12
CA LYS A 37 17.44 -25.49 -6.38
C LYS A 37 18.89 -25.26 -6.79
N ASP A 38 19.27 -24.02 -7.12
CA ASP A 38 20.61 -23.64 -7.63
C ASP A 38 21.58 -23.37 -6.47
N ARG A 39 21.05 -23.12 -5.28
CA ARG A 39 21.85 -22.76 -4.07
C ARG A 39 20.87 -22.57 -2.90
N CYS A 40 21.36 -22.51 -1.66
CA CYS A 40 20.53 -22.14 -0.49
C CYS A 40 20.32 -20.63 -0.56
N LYS A 41 19.15 -20.18 -0.98
CA LYS A 41 18.93 -18.71 -0.87
C LYS A 41 19.21 -18.35 0.58
N PRO A 42 20.12 -17.41 0.87
CA PRO A 42 20.52 -17.14 2.26
C PRO A 42 19.39 -16.52 3.11
N VAL A 43 18.66 -15.56 2.56
CA VAL A 43 17.53 -14.91 3.30
C VAL A 43 16.34 -14.89 2.36
N ASN A 44 15.16 -15.07 2.94
CA ASN A 44 13.89 -14.99 2.19
C ASN A 44 12.76 -14.75 3.20
N THR A 45 11.85 -13.84 2.83
CA THR A 45 10.66 -13.50 3.65
C THR A 45 9.39 -13.98 2.96
N PHE A 46 8.52 -14.63 3.72
CA PHE A 46 7.16 -15.00 3.28
C PHE A 46 6.15 -14.08 3.99
N VAL A 47 5.12 -13.68 3.25
CA VAL A 47 4.04 -12.77 3.75
C VAL A 47 2.76 -13.57 3.86
N HIS A 48 2.10 -13.50 5.01
CA HIS A 48 0.89 -14.30 5.35
C HIS A 48 -0.40 -13.47 5.22
N GLU A 49 -0.37 -12.37 4.48
CA GLU A 49 -1.56 -11.53 4.21
C GLU A 49 -2.13 -11.98 2.88
N SER A 50 -3.38 -11.63 2.58
CA SER A 50 -3.98 -11.86 1.22
C SER A 50 -3.10 -11.22 0.14
N LEU A 51 -3.17 -11.75 -1.07
CA LEU A 51 -2.48 -11.19 -2.27
C LEU A 51 -2.96 -9.76 -2.50
N ALA A 52 -4.25 -9.50 -2.33
CA ALA A 52 -4.86 -8.16 -2.53
C ALA A 52 -4.18 -7.14 -1.60
N ASP A 53 -4.08 -7.46 -0.31
CA ASP A 53 -3.42 -6.58 0.70
C ASP A 53 -1.97 -6.30 0.31
N VAL A 54 -1.27 -7.29 -0.25
CA VAL A 54 0.17 -7.14 -0.59
C VAL A 54 0.28 -6.30 -1.87
N GLN A 55 -0.51 -6.59 -2.89
CA GLN A 55 -0.58 -5.81 -4.15
C GLN A 55 -0.89 -4.34 -3.86
N ALA A 56 -1.81 -4.07 -2.91
CA ALA A 56 -2.20 -2.72 -2.46
C ALA A 56 -1.01 -1.93 -1.90
N VAL A 57 0.04 -2.57 -1.38
CA VAL A 57 1.23 -1.83 -0.87
C VAL A 57 1.82 -0.96 -1.98
N CYS A 58 1.65 -1.35 -3.26
CA CYS A 58 2.20 -0.61 -4.44
C CYS A 58 1.56 0.78 -4.61
N SER A 59 0.43 1.05 -3.91
N SER A 59 0.46 1.04 -3.90
CA SER A 59 -0.28 2.35 -3.87
CA SER A 59 -0.27 2.34 -3.86
C SER A 59 -0.11 3.04 -2.51
C SER A 59 -0.16 2.99 -2.48
N GLN A 60 0.76 2.49 -1.64
CA GLN A 60 0.96 2.99 -0.27
C GLN A 60 2.24 3.82 -0.29
N LYS A 61 3.12 3.68 0.71
CA LYS A 61 4.19 4.68 1.00
C LYS A 61 5.41 4.42 0.11
N ASN A 62 5.70 5.36 -0.80
CA ASN A 62 6.85 5.29 -1.73
C ASN A 62 8.12 5.53 -0.93
N VAL A 63 9.06 4.58 -0.94
CA VAL A 63 10.39 4.72 -0.26
C VAL A 63 11.48 4.23 -1.21
N ALA A 64 12.75 4.56 -0.92
CA ALA A 64 13.91 4.09 -1.69
C ALA A 64 14.08 2.59 -1.44
N CYS A 65 14.40 1.85 -2.50
CA CYS A 65 14.84 0.44 -2.47
C CYS A 65 16.28 0.39 -1.95
N LYS A 66 16.63 -0.68 -1.25
CA LYS A 66 18.01 -0.93 -0.73
C LYS A 66 19.06 -0.73 -1.83
N ASN A 67 18.74 -0.97 -3.12
CA ASN A 67 19.74 -0.89 -4.22
C ASN A 67 19.76 0.51 -4.87
N GLY A 68 18.92 1.44 -4.42
CA GLY A 68 18.91 2.83 -4.93
C GLY A 68 17.75 3.13 -5.85
N GLN A 69 17.01 2.15 -6.35
CA GLN A 69 15.76 2.39 -7.13
C GLN A 69 14.72 3.07 -6.21
N THR A 70 13.78 3.81 -6.79
CA THR A 70 12.78 4.59 -6.01
C THR A 70 11.39 4.00 -6.21
N ASN A 71 11.29 2.77 -6.73
CA ASN A 71 10.00 2.08 -6.99
C ASN A 71 9.70 1.08 -5.86
N CYS A 72 10.02 1.42 -4.62
CA CYS A 72 9.70 0.55 -3.45
C CYS A 72 8.57 1.21 -2.68
N TYR A 73 7.81 0.37 -1.98
CA TYR A 73 6.55 0.75 -1.28
C TYR A 73 6.51 0.03 0.06
N GLN A 74 6.34 0.84 1.11
CA GLN A 74 6.19 0.39 2.52
C GLN A 74 4.69 0.30 2.86
N SER A 75 4.28 -0.81 3.47
CA SER A 75 2.89 -1.06 3.89
C SER A 75 2.52 -0.06 4.99
N TYR A 76 1.33 0.56 4.91
CA TYR A 76 0.83 1.46 5.98
C TYR A 76 0.62 0.62 7.25
N SER A 77 0.12 -0.61 7.12
CA SER A 77 -0.14 -1.51 8.26
C SER A 77 1.02 -2.50 8.42
N THR A 78 1.24 -3.00 9.65
CA THR A 78 2.16 -4.12 9.88
C THR A 78 1.50 -5.35 9.24
N MET A 79 2.32 -6.30 8.81
CA MET A 79 1.84 -7.57 8.19
C MET A 79 2.54 -8.74 8.87
N SER A 80 1.80 -9.83 8.97
CA SER A 80 2.25 -11.16 9.42
C SER A 80 3.23 -11.70 8.36
N ILE A 81 4.49 -11.83 8.74
CA ILE A 81 5.57 -12.37 7.84
C ILE A 81 6.36 -13.42 8.61
N THR A 82 7.17 -14.17 7.87
CA THR A 82 8.19 -15.08 8.41
C THR A 82 9.47 -14.84 7.61
N ASP A 83 10.56 -14.55 8.31
CA ASP A 83 11.93 -14.42 7.74
C ASP A 83 12.64 -15.77 7.85
N CYS A 84 13.30 -16.17 6.78
CA CYS A 84 14.15 -17.38 6.70
C CYS A 84 15.59 -16.94 6.45
N ARG A 85 16.48 -17.23 7.40
CA ARG A 85 17.93 -16.94 7.33
C ARG A 85 18.69 -18.26 7.43
N GLU A 86 19.48 -18.57 6.42
CA GLU A 86 20.28 -19.83 6.42
C GLU A 86 21.10 -19.90 7.71
N THR A 87 21.22 -21.07 8.34
CA THR A 87 22.09 -21.26 9.54
C THR A 87 23.55 -21.33 9.08
N GLY A 88 24.49 -21.19 10.01
CA GLY A 88 25.93 -21.37 9.75
C GLY A 88 26.28 -22.76 9.24
N SER A 89 25.63 -23.81 9.75
CA SER A 89 25.90 -25.24 9.41
C SER A 89 25.12 -25.67 8.16
N SER A 90 24.25 -24.80 7.62
CA SER A 90 23.50 -25.09 6.38
C SER A 90 24.51 -25.44 5.26
N LYS A 91 24.38 -26.60 4.63
CA LYS A 91 25.14 -26.90 3.40
C LYS A 91 24.22 -27.51 2.36
N TYR A 92 24.18 -26.86 1.19
CA TYR A 92 23.52 -27.30 -0.06
C TYR A 92 23.86 -28.77 -0.31
N PRO A 93 22.93 -29.62 -0.81
CA PRO A 93 21.56 -29.23 -1.15
C PRO A 93 20.56 -29.34 0.01
N ASN A 94 21.10 -29.62 1.20
CA ASN A 94 20.34 -29.83 2.46
C ASN A 94 20.20 -28.49 3.18
N CYS A 95 19.50 -27.53 2.58
CA CYS A 95 19.51 -26.13 3.06
C CYS A 95 18.80 -26.04 4.41
N ALA A 96 19.45 -25.40 5.40
CA ALA A 96 18.98 -25.29 6.80
C ALA A 96 18.84 -23.81 7.14
N TYR A 97 17.68 -23.43 7.69
CA TYR A 97 17.28 -22.03 8.00
C TYR A 97 16.92 -21.89 9.49
N LYS A 98 17.08 -20.69 10.03
CA LYS A 98 16.41 -20.27 11.28
C LYS A 98 15.12 -19.54 10.87
N THR A 99 13.98 -19.97 11.42
CA THR A 99 12.61 -19.41 11.22
C THR A 99 12.39 -18.27 12.21
N THR A 100 12.08 -17.06 11.72
CA THR A 100 11.74 -15.88 12.56
C THR A 100 10.38 -15.33 12.12
N GLN A 101 9.37 -15.59 12.94
CA GLN A 101 8.00 -15.07 12.74
C GLN A 101 7.98 -13.63 13.26
N ALA A 102 7.31 -12.74 12.54
CA ALA A 102 7.22 -11.30 12.88
C ALA A 102 5.90 -10.69 12.38
N ASN A 103 5.57 -9.54 12.93
CA ASN A 103 4.51 -8.63 12.44
C ASN A 103 5.20 -7.28 12.20
N LYS A 104 5.44 -6.92 10.93
CA LYS A 104 6.23 -5.73 10.52
C LYS A 104 5.63 -5.13 9.25
N HIS A 105 6.04 -3.91 8.94
CA HIS A 105 5.76 -3.22 7.67
C HIS A 105 6.64 -3.84 6.60
N ILE A 106 6.07 -4.20 5.46
CA ILE A 106 6.91 -4.80 4.39
C ILE A 106 7.30 -3.67 3.44
N ILE A 107 8.48 -3.76 2.84
CA ILE A 107 8.89 -2.90 1.70
C ILE A 107 9.08 -3.82 0.50
N VAL A 108 8.39 -3.52 -0.58
CA VAL A 108 8.43 -4.32 -1.83
C VAL A 108 8.74 -3.37 -2.98
N ALA A 109 9.50 -3.85 -3.97
CA ALA A 109 9.67 -3.20 -5.28
C ALA A 109 8.44 -3.53 -6.12
N CYS A 110 7.79 -2.52 -6.66
CA CYS A 110 6.63 -2.67 -7.56
C CYS A 110 7.03 -2.34 -8.99
N GLU A 111 6.51 -3.11 -9.94
CA GLU A 111 6.88 -2.92 -11.36
C GLU A 111 5.74 -3.44 -12.23
N GLY A 112 5.63 -2.84 -13.42
CA GLY A 112 4.79 -3.33 -14.52
C GLY A 112 3.53 -2.53 -14.68
N ASN A 113 2.78 -2.85 -15.72
CA ASN A 113 1.37 -2.43 -15.89
C ASN A 113 0.53 -3.69 -16.01
N PRO A 114 -0.30 -4.06 -15.01
CA PRO A 114 -0.45 -3.26 -13.77
C PRO A 114 0.77 -3.27 -12.84
N TYR A 115 0.79 -2.29 -11.93
CA TYR A 115 1.88 -1.99 -10.97
C TYR A 115 1.78 -2.92 -9.76
N VAL A 116 2.60 -3.96 -9.74
CA VAL A 116 2.45 -5.09 -8.79
C VAL A 116 3.81 -5.41 -8.21
N PRO A 117 3.82 -6.06 -7.03
CA PRO A 117 5.05 -6.42 -6.34
C PRO A 117 5.88 -7.43 -7.13
N VAL A 118 7.18 -7.21 -7.23
CA VAL A 118 8.07 -8.12 -7.98
C VAL A 118 9.32 -8.47 -7.19
N HIS A 119 9.66 -7.73 -6.13
CA HIS A 119 10.78 -8.10 -5.23
C HIS A 119 10.36 -7.81 -3.78
N PHE A 120 10.81 -8.61 -2.83
CA PHE A 120 10.68 -8.28 -1.39
C PHE A 120 11.96 -7.55 -0.96
N ASP A 121 11.87 -6.33 -0.47
CA ASP A 121 13.10 -5.50 -0.31
C ASP A 121 13.56 -5.53 1.13
N ALA A 122 12.64 -5.36 2.07
CA ALA A 122 12.95 -5.22 3.51
C ALA A 122 11.66 -5.28 4.30
N SER A 123 11.77 -5.42 5.62
CA SER A 123 10.67 -5.19 6.57
C SER A 123 11.17 -4.16 7.61
N VAL A 124 10.27 -3.35 8.13
CA VAL A 124 10.62 -2.30 9.14
C VAL A 124 9.56 -2.32 10.24
N LYS B 1 7.29 11.17 12.95
CA LYS B 1 6.02 11.82 12.50
C LYS B 1 5.97 11.83 10.96
N GLU B 2 4.77 11.62 10.41
CA GLU B 2 4.44 11.65 8.98
C GLU B 2 4.56 13.08 8.44
N THR B 3 5.22 13.28 7.28
CA THR B 3 5.15 14.56 6.51
C THR B 3 3.69 14.75 6.06
N ALA B 4 3.27 16.02 5.94
CA ALA B 4 1.93 16.40 5.45
C ALA B 4 1.72 15.77 4.07
N ALA B 5 2.75 15.80 3.22
CA ALA B 5 2.73 15.21 1.86
C ALA B 5 2.42 13.72 1.96
N ALA B 6 3.10 13.01 2.86
CA ALA B 6 2.94 11.55 3.04
C ALA B 6 1.53 11.27 3.58
N LYS B 7 1.09 12.04 4.55
CA LYS B 7 -0.26 11.92 5.14
C LYS B 7 -1.31 12.09 4.03
N PHE B 8 -1.18 13.12 3.19
CA PHE B 8 -2.10 13.29 2.05
C PHE B 8 -2.20 11.99 1.23
N GLU B 9 -1.06 11.36 0.91
CA GLU B 9 -1.03 10.12 0.08
C GLU B 9 -1.74 8.96 0.79
N ARG B 10 -1.46 8.75 2.08
CA ARG B 10 -2.09 7.66 2.88
C ARG B 10 -3.61 7.88 2.91
N GLN B 11 -4.07 9.12 3.10
CA GLN B 11 -5.52 9.41 3.31
C GLN B 11 -6.27 9.52 1.98
N HIS B 12 -5.63 9.95 0.90
CA HIS B 12 -6.37 10.47 -0.29
C HIS B 12 -5.99 9.79 -1.62
N MET B 13 -4.88 9.04 -1.71
CA MET B 13 -4.36 8.48 -2.99
C MET B 13 -4.60 6.97 -3.03
N ASP B 14 -5.40 6.52 -3.99
CA ASP B 14 -5.51 5.09 -4.37
C ASP B 14 -5.47 4.99 -5.89
N SER B 15 -4.25 4.99 -6.43
CA SER B 15 -3.92 4.85 -7.88
C SER B 15 -4.09 3.39 -8.33
N SER B 16 -4.42 2.46 -7.42
CA SER B 16 -4.59 1.00 -7.68
C SER B 16 -5.75 0.75 -8.65
N THR B 17 -6.85 1.47 -8.48
CA THR B 17 -8.11 1.23 -9.22
C THR B 17 -8.49 2.53 -9.94
N SER B 18 -9.31 2.43 -10.97
CA SER B 18 -9.87 3.58 -11.72
C SER B 18 -11.25 3.96 -11.15
N ALA B 19 -11.79 3.13 -10.24
CA ALA B 19 -13.11 3.36 -9.60
C ALA B 19 -13.29 2.44 -8.39
N ALA B 20 -14.21 2.82 -7.50
CA ALA B 20 -14.56 2.06 -6.28
C ALA B 20 -14.89 0.64 -6.71
N SER B 21 -14.04 -0.31 -6.33
CA SER B 21 -14.13 -1.76 -6.66
C SER B 21 -15.53 -2.32 -6.34
N SER B 22 -16.18 -1.81 -5.27
CA SER B 22 -17.48 -2.29 -4.74
C SER B 22 -18.02 -1.32 -3.67
N SER B 23 -19.25 -1.55 -3.22
CA SER B 23 -19.91 -0.71 -2.18
C SER B 23 -19.28 -0.98 -0.80
N ASN B 24 -18.33 -1.91 -0.72
CA ASN B 24 -17.57 -2.23 0.51
C ASN B 24 -16.19 -1.55 0.51
N TYR B 25 -15.75 -1.04 -0.64
CA TYR B 25 -14.49 -0.27 -0.86
C TYR B 25 -14.15 0.59 0.37
N CYS B 26 -15.06 1.49 0.74
CA CYS B 26 -14.80 2.48 1.81
C CYS B 26 -14.54 1.77 3.13
N ASN B 27 -15.40 0.81 3.52
CA ASN B 27 -15.22 0.03 4.76
C ASN B 27 -13.79 -0.53 4.80
N GLN B 28 -13.25 -1.03 3.69
CA GLN B 28 -11.90 -1.67 3.64
C GLN B 28 -10.81 -0.59 3.62
N MET B 29 -10.94 0.42 2.77
CA MET B 29 -9.88 1.46 2.62
C MET B 29 -9.80 2.35 3.86
N MET B 30 -10.94 2.76 4.42
CA MET B 30 -10.98 3.57 5.67
C MET B 30 -10.25 2.81 6.77
N LYS B 31 -10.42 1.48 6.83
CA LYS B 31 -9.75 0.61 7.83
C LYS B 31 -8.26 0.53 7.50
N SER B 32 -7.89 0.24 6.25
CA SER B 32 -6.51 -0.12 5.84
C SER B 32 -5.60 1.11 5.81
N ARG B 33 -6.15 2.32 5.70
CA ARG B 33 -5.30 3.54 5.68
C ARG B 33 -5.26 4.14 7.08
N ASN B 34 -5.77 3.39 8.06
CA ASN B 34 -5.64 3.68 9.51
C ASN B 34 -6.54 4.86 9.89
N LEU B 35 -7.69 5.01 9.24
CA LEU B 35 -8.62 6.14 9.47
C LEU B 35 -9.79 5.69 10.34
N THR B 36 -9.73 4.47 10.88
CA THR B 36 -10.74 3.91 11.82
C THR B 36 -10.07 3.45 13.11
N LYS B 37 -8.77 3.73 13.29
CA LYS B 37 -7.95 3.13 14.36
C LYS B 37 -8.47 3.61 15.72
N ASP B 38 -8.39 4.92 15.99
CA ASP B 38 -8.75 5.52 17.31
C ASP B 38 -10.20 6.04 17.28
N ARG B 39 -10.70 6.32 16.08
CA ARG B 39 -12.03 6.94 15.82
C ARG B 39 -12.39 6.71 14.35
N CYS B 40 -13.67 6.76 14.01
CA CYS B 40 -14.15 6.67 12.62
C CYS B 40 -13.98 8.05 11.99
N LYS B 41 -13.00 8.24 11.12
CA LYS B 41 -12.98 9.50 10.34
C LYS B 41 -14.33 9.62 9.60
N PRO B 42 -15.15 10.66 9.84
CA PRO B 42 -16.52 10.72 9.27
C PRO B 42 -16.57 10.79 7.75
N VAL B 43 -15.70 11.61 7.15
CA VAL B 43 -15.70 11.92 5.70
C VAL B 43 -14.27 11.85 5.16
N ASN B 44 -14.04 11.10 4.08
CA ASN B 44 -12.71 10.99 3.43
C ASN B 44 -12.89 10.67 1.95
N THR B 45 -12.19 11.42 1.08
CA THR B 45 -12.14 11.15 -0.37
C THR B 45 -10.82 10.50 -0.75
N PHE B 46 -10.89 9.45 -1.56
CA PHE B 46 -9.73 8.83 -2.25
C PHE B 46 -9.72 9.26 -3.73
N VAL B 47 -8.53 9.46 -4.28
CA VAL B 47 -8.37 9.83 -5.72
C VAL B 47 -7.71 8.66 -6.46
N HIS B 48 -8.25 8.30 -7.64
CA HIS B 48 -7.88 7.11 -8.42
C HIS B 48 -6.91 7.46 -9.56
N GLU B 49 -6.71 8.74 -9.83
CA GLU B 49 -5.76 9.18 -10.89
C GLU B 49 -4.32 8.93 -10.44
N SER B 50 -3.42 8.95 -11.39
CA SER B 50 -1.97 8.82 -11.16
C SER B 50 -1.55 9.86 -10.13
N LEU B 51 -0.56 9.55 -9.32
CA LEU B 51 0.12 10.52 -8.44
C LEU B 51 0.63 11.71 -9.26
N ALA B 52 1.17 11.48 -10.47
CA ALA B 52 1.70 12.57 -11.32
C ALA B 52 0.55 13.55 -11.63
N ASP B 53 -0.61 13.01 -11.97
CA ASP B 53 -1.81 13.81 -12.37
C ASP B 53 -2.29 14.63 -11.16
N VAL B 54 -2.26 14.04 -9.96
CA VAL B 54 -2.77 14.68 -8.71
C VAL B 54 -1.81 15.80 -8.29
N GLN B 55 -0.50 15.55 -8.30
CA GLN B 55 0.52 16.56 -7.94
C GLN B 55 0.44 17.73 -8.94
N ALA B 56 0.14 17.43 -10.21
CA ALA B 56 -0.02 18.41 -11.31
C ALA B 56 -1.12 19.43 -10.99
N VAL B 57 -2.09 19.08 -10.14
CA VAL B 57 -3.18 20.00 -9.70
C VAL B 57 -2.56 21.21 -8.97
N CYS B 58 -1.38 21.06 -8.37
CA CYS B 58 -0.69 22.18 -7.69
C CYS B 58 -0.17 23.21 -8.70
N SER B 59 -0.27 22.93 -10.01
CA SER B 59 0.07 23.89 -11.10
C SER B 59 -1.17 24.37 -11.85
N GLN B 60 -2.38 24.11 -11.36
CA GLN B 60 -3.60 24.40 -12.14
C GLN B 60 -4.25 25.65 -11.52
N LYS B 61 -5.56 25.64 -11.30
CA LYS B 61 -6.32 26.88 -11.02
C LYS B 61 -6.14 27.22 -9.55
N ASN B 62 -5.41 28.29 -9.27
CA ASN B 62 -5.21 28.80 -7.91
C ASN B 62 -6.56 29.29 -7.39
N VAL B 63 -6.97 28.81 -6.22
CA VAL B 63 -8.23 29.25 -5.54
C VAL B 63 -7.97 29.34 -4.04
N ALA B 64 -8.83 30.08 -3.34
CA ALA B 64 -8.87 30.12 -1.86
C ALA B 64 -9.30 28.75 -1.33
N CYS B 65 -8.61 28.32 -0.26
CA CYS B 65 -9.00 27.18 0.61
C CYS B 65 -10.19 27.62 1.47
N LYS B 66 -10.97 26.66 1.98
CA LYS B 66 -12.20 26.87 2.78
C LYS B 66 -11.88 27.72 4.02
N ASN B 67 -10.67 27.61 4.57
CA ASN B 67 -10.20 28.28 5.81
C ASN B 67 -9.65 29.68 5.51
N GLY B 68 -9.63 30.10 4.24
CA GLY B 68 -9.12 31.41 3.80
C GLY B 68 -7.66 31.38 3.40
N GLN B 69 -6.92 30.29 3.63
CA GLN B 69 -5.54 30.16 3.08
C GLN B 69 -5.62 30.21 1.54
N THR B 70 -4.53 30.57 0.86
CA THR B 70 -4.53 30.94 -0.58
C THR B 70 -3.67 29.96 -1.39
N ASN B 71 -3.26 28.83 -0.80
CA ASN B 71 -2.39 27.83 -1.47
C ASN B 71 -3.22 26.62 -1.92
N CYS B 72 -4.48 26.83 -2.32
CA CYS B 72 -5.37 25.76 -2.86
C CYS B 72 -5.45 25.87 -4.39
N TYR B 73 -5.68 24.73 -5.05
CA TYR B 73 -5.76 24.57 -6.52
C TYR B 73 -6.92 23.63 -6.83
N GLN B 74 -7.74 24.01 -7.81
CA GLN B 74 -8.82 23.21 -8.43
C GLN B 74 -8.26 22.51 -9.66
N SER B 75 -8.43 21.20 -9.76
CA SER B 75 -8.01 20.44 -10.96
C SER B 75 -8.78 20.96 -12.17
N TYR B 76 -8.11 21.24 -13.28
CA TYR B 76 -8.78 21.60 -14.56
C TYR B 76 -9.72 20.46 -14.98
N SER B 77 -9.26 19.21 -14.90
N SER B 77 -9.28 19.20 -14.87
CA SER B 77 -10.03 18.01 -15.34
CA SER B 77 -10.03 18.01 -15.35
C SER B 77 -10.86 17.47 -14.17
C SER B 77 -10.78 17.36 -14.19
N THR B 78 -11.91 16.71 -14.49
CA THR B 78 -12.62 15.81 -13.56
C THR B 78 -11.67 14.67 -13.31
N MET B 79 -11.74 14.05 -12.13
CA MET B 79 -10.90 12.91 -11.75
C MET B 79 -11.81 11.85 -11.15
N SER B 80 -11.46 10.59 -11.31
CA SER B 80 -12.12 9.44 -10.63
C SER B 80 -11.82 9.51 -9.14
N ILE B 81 -12.86 9.71 -8.34
CA ILE B 81 -12.79 9.78 -6.86
C ILE B 81 -13.81 8.80 -6.28
N THR B 82 -13.58 8.33 -5.07
CA THR B 82 -14.63 7.74 -4.22
C THR B 82 -14.77 8.57 -2.94
N ASP B 83 -15.99 9.06 -2.65
N ASP B 83 -15.98 9.10 -2.69
CA ASP B 83 -16.33 9.71 -1.36
CA ASP B 83 -16.43 9.68 -1.40
C ASP B 83 -16.75 8.62 -0.36
C ASP B 83 -16.63 8.50 -0.43
N CYS B 84 -16.09 8.60 0.80
CA CYS B 84 -16.38 7.66 1.90
C CYS B 84 -17.03 8.49 3.01
N ARG B 85 -18.29 8.20 3.31
CA ARG B 85 -19.02 8.91 4.38
C ARG B 85 -19.58 7.88 5.35
N GLU B 86 -19.30 8.08 6.61
CA GLU B 86 -19.79 7.23 7.71
C GLU B 86 -21.32 7.30 7.71
N THR B 87 -21.99 6.18 7.94
CA THR B 87 -23.46 6.07 8.09
C THR B 87 -23.87 6.89 9.31
N GLY B 88 -25.15 7.25 9.43
CA GLY B 88 -25.68 7.94 10.63
C GLY B 88 -25.68 7.02 11.83
N SER B 89 -25.78 5.71 11.59
CA SER B 89 -25.84 4.62 12.61
C SER B 89 -24.44 4.29 13.13
N SER B 90 -23.49 4.03 12.23
CA SER B 90 -22.05 3.73 12.49
C SER B 90 -21.62 4.30 13.84
N LYS B 91 -20.95 3.48 14.65
CA LYS B 91 -20.38 3.87 15.96
C LYS B 91 -19.02 3.18 16.10
N TYR B 92 -17.94 3.93 16.38
CA TYR B 92 -16.60 3.36 16.68
C TYR B 92 -16.73 2.34 17.80
N PRO B 93 -16.00 1.21 17.79
CA PRO B 93 -15.04 0.89 16.74
C PRO B 93 -15.60 0.07 15.55
N ASN B 94 -16.92 -0.02 15.42
CA ASN B 94 -17.58 -0.65 14.23
C ASN B 94 -17.98 0.48 13.27
N CYS B 95 -16.97 1.12 12.70
CA CYS B 95 -17.08 2.20 11.69
C CYS B 95 -17.69 1.61 10.41
N ALA B 96 -18.76 2.23 9.90
CA ALA B 96 -19.41 1.84 8.62
C ALA B 96 -19.55 3.07 7.74
N TYR B 97 -19.39 2.86 6.43
CA TYR B 97 -19.14 3.90 5.41
C TYR B 97 -20.01 3.66 4.17
N LYS B 98 -20.73 4.69 3.73
CA LYS B 98 -21.34 4.75 2.38
C LYS B 98 -20.18 4.97 1.39
N THR B 99 -20.17 4.21 0.29
CA THR B 99 -19.21 4.35 -0.83
C THR B 99 -19.93 5.01 -2.02
N THR B 100 -19.53 6.24 -2.40
CA THR B 100 -20.03 6.98 -3.59
C THR B 100 -18.88 7.30 -4.56
N GLN B 101 -18.82 6.55 -5.68
CA GLN B 101 -17.94 6.80 -6.85
C GLN B 101 -18.43 8.06 -7.57
N ALA B 102 -17.52 8.86 -8.12
CA ALA B 102 -17.87 10.11 -8.86
C ALA B 102 -16.69 10.55 -9.72
N ASN B 103 -16.97 11.40 -10.70
CA ASN B 103 -15.94 12.07 -11.54
C ASN B 103 -16.12 13.57 -11.37
N LYS B 104 -15.18 14.19 -10.67
CA LYS B 104 -15.33 15.57 -10.13
C LYS B 104 -13.96 16.25 -10.08
N HIS B 105 -13.98 17.57 -10.08
CA HIS B 105 -12.76 18.40 -9.92
C HIS B 105 -12.34 18.24 -8.47
N ILE B 106 -11.05 18.08 -8.20
CA ILE B 106 -10.56 18.08 -6.80
C ILE B 106 -9.95 19.47 -6.51
N ILE B 107 -10.00 19.85 -5.23
CA ILE B 107 -9.35 21.06 -4.64
C ILE B 107 -8.46 20.62 -3.48
N VAL B 108 -7.17 20.91 -3.62
CA VAL B 108 -6.09 20.53 -2.66
C VAL B 108 -5.29 21.78 -2.31
N ALA B 109 -4.73 21.83 -1.10
CA ALA B 109 -3.70 22.80 -0.68
C ALA B 109 -2.37 22.13 -0.98
N CYS B 110 -1.37 22.91 -1.39
CA CYS B 110 -0.04 22.40 -1.80
C CYS B 110 1.03 23.16 -1.03
N GLU B 111 2.13 22.49 -0.71
CA GLU B 111 3.35 23.03 -0.04
C GLU B 111 4.56 22.23 -0.52
N GLY B 112 5.75 22.81 -0.42
CA GLY B 112 7.04 22.11 -0.52
C GLY B 112 7.66 22.18 -1.89
N ASN B 113 8.82 21.56 -2.04
CA ASN B 113 9.57 21.47 -3.31
C ASN B 113 10.11 20.05 -3.40
N PRO B 114 9.48 19.15 -4.17
CA PRO B 114 8.44 19.53 -5.14
C PRO B 114 7.13 19.99 -4.48
N TYR B 115 6.35 20.76 -5.24
CA TYR B 115 5.09 21.39 -4.81
C TYR B 115 3.98 20.36 -4.95
N VAL B 116 3.50 19.79 -3.83
CA VAL B 116 2.58 18.61 -3.80
C VAL B 116 1.44 18.83 -2.80
N PRO B 117 0.32 18.09 -2.95
CA PRO B 117 -0.81 18.23 -2.06
C PRO B 117 -0.47 17.85 -0.61
N VAL B 118 -0.95 18.66 0.32
CA VAL B 118 -0.77 18.48 1.78
C VAL B 118 -2.13 18.45 2.46
N HIS B 119 -3.20 18.81 1.74
CA HIS B 119 -4.57 18.81 2.30
C HIS B 119 -5.59 18.70 1.17
N PHE B 120 -6.60 17.87 1.39
CA PHE B 120 -7.79 17.74 0.52
C PHE B 120 -8.84 18.73 1.06
N ASP B 121 -9.20 19.73 0.27
CA ASP B 121 -10.15 20.80 0.68
C ASP B 121 -11.58 20.36 0.34
N ALA B 122 -11.87 20.10 -0.93
CA ALA B 122 -13.19 19.59 -1.38
C ALA B 122 -13.08 19.06 -2.80
N SER B 123 -14.20 18.58 -3.35
CA SER B 123 -14.36 18.29 -4.80
C SER B 123 -15.52 19.13 -5.32
N VAL B 124 -15.54 19.42 -6.63
CA VAL B 124 -16.63 20.20 -7.28
C VAL B 124 -16.91 19.60 -8.66
S SO4 C . 13.52 -11.21 -4.71
O1 SO4 C . 12.66 -11.14 -5.84
O2 SO4 C . 14.86 -10.82 -5.10
O3 SO4 C . 13.57 -12.56 -4.20
O4 SO4 C . 13.03 -10.34 -3.69
PT J9H D . 4.46 0.86 12.39
CP J9H D . 1.96 0.63 12.51
C21 J9H D . 7.49 1.09 11.77
C22 J9H D . 7.46 0.86 13.24
C9A J9H E . -18.04 17.26 -15.40
C9 J9H E . -18.39 18.41 -16.28
C8 J9H E . -19.28 18.24 -17.34
C7 J9H E . -19.61 19.31 -18.17
N10 J9H E . -17.84 19.62 -16.03
C10 J9H E . -18.16 20.71 -16.84
C6A J9H E . -19.05 20.55 -17.91
C1A J9H E . -17.60 21.95 -16.57
C4A J9H E . -17.92 23.02 -17.39
C5 J9H E . -18.79 22.88 -18.45
C6 J9H E . -19.36 21.63 -18.72
N1 J9H E . -16.72 22.10 -15.53
C2 J9H E . -16.18 23.31 -15.26
C2A J9H E . -15.23 23.51 -14.12
C3 J9H E . -16.48 24.40 -16.07
C4 J9H E . -17.35 24.27 -17.13
PT J9H E . -16.17 20.61 -15.01
CP J9H E . -18.31 21.50 -13.01
C21 J9H E . -13.85 19.73 -16.86
C22 J9H E . -14.07 21.21 -16.85
#